data_8IYC
#
_entry.id   8IYC
#
_cell.length_a   37.378
_cell.length_b   65.258
_cell.length_c   95.381
_cell.angle_alpha   90.000
_cell.angle_beta   96.995
_cell.angle_gamma   90.000
#
_symmetry.space_group_name_H-M   'P 1 21 1'
#
loop_
_entity.id
_entity.type
_entity.pdbx_description
1 polymer 'Feruloyl esterase'
2 non-polymer SINAPINATE
3 non-polymer 2-acetamido-2-deoxy-beta-D-glucopyranose
4 non-polymer 1,2-ETHANEDIOL
5 non-polymer 'ACETATE ION'
6 water water
#
_entity_poly.entity_id   1
_entity_poly.type   'polypeptide(L)'
_entity_poly.pdbx_seq_one_letter_code
;HHHHHHATLSQVLDFGNNPGDNEMWIYVPDQLAANPAVIVALHGCLGSAEGYYSEVQDLPPAADENGFILVYPGSNDDFH
CWDVATAESLTHDGGSDSRSIVNMVQYTLDKYSGDSSKVFTTGSSSGAMMSLVLAAAYPDVFSGVAAYSGVPYGCLRGSP
GSSPFTADQACANGEVSRTAQEWKDEVKMAWPGYNGTYPKVQVWHGTADSVISPNNFDEEVKQWSAVFGVNVTKEEQDSP
LDGYTRSIFGDGSHFEAYLAEGVGHVVPTQVDSTLRWFGLI
;
_entity_poly.pdbx_strand_id   A,B
#
# COMPACT_ATOMS: atom_id res chain seq x y z
N ALA A 7 -0.05 -26.07 -15.64
CA ALA A 7 -0.53 -24.95 -14.82
C ALA A 7 -1.95 -24.57 -15.18
N THR A 8 -2.72 -24.12 -14.20
CA THR A 8 -4.08 -23.63 -14.44
C THR A 8 -4.33 -22.42 -13.55
N LEU A 9 -5.53 -21.85 -13.67
CA LEU A 9 -5.89 -20.65 -12.94
C LEU A 9 -6.39 -20.99 -11.55
N SER A 10 -5.98 -20.18 -10.56
CA SER A 10 -6.41 -20.38 -9.18
C SER A 10 -6.64 -19.05 -8.51
N GLN A 11 -7.46 -19.07 -7.47
CA GLN A 11 -7.95 -17.88 -6.80
C GLN A 11 -7.11 -17.55 -5.57
N VAL A 12 -6.87 -16.26 -5.37
CA VAL A 12 -6.21 -15.74 -4.17
C VAL A 12 -7.29 -15.17 -3.27
N LEU A 13 -7.53 -15.83 -2.14
CA LEU A 13 -8.63 -15.38 -1.28
C LEU A 13 -8.29 -14.11 -0.53
N ASP A 14 -7.01 -13.89 -0.20
CA ASP A 14 -6.61 -12.71 0.56
C ASP A 14 -5.33 -12.16 -0.02
N PHE A 15 -5.42 -11.01 -0.70
CA PHE A 15 -4.27 -10.31 -1.22
C PHE A 15 -4.05 -8.98 -0.50
N GLY A 16 -4.77 -8.74 0.58
CA GLY A 16 -4.68 -7.50 1.32
C GLY A 16 -5.91 -6.63 1.17
N ASN A 17 -5.73 -5.34 1.42
CA ASN A 17 -6.82 -4.39 1.36
C ASN A 17 -7.49 -4.45 -0.01
N ASN A 18 -8.82 -4.48 -0.02
CA ASN A 18 -9.59 -4.73 -1.23
C ASN A 18 -10.76 -3.75 -1.33
N PRO A 19 -10.46 -2.45 -1.50
CA PRO A 19 -11.54 -1.45 -1.48
C PRO A 19 -12.53 -1.58 -2.62
N GLY A 20 -12.16 -2.22 -3.72
CA GLY A 20 -13.14 -2.49 -4.77
C GLY A 20 -13.94 -3.76 -4.59
N ASP A 21 -13.66 -4.54 -3.55
CA ASP A 21 -14.33 -5.82 -3.30
C ASP A 21 -14.20 -6.74 -4.51
N ASN A 22 -13.01 -6.80 -5.09
CA ASN A 22 -12.79 -7.59 -6.29
C ASN A 22 -12.27 -8.99 -5.94
N GLU A 23 -12.38 -9.88 -6.92
CA GLU A 23 -11.71 -11.17 -6.87
C GLU A 23 -10.34 -11.07 -7.52
N MET A 24 -9.45 -11.97 -7.10
CA MET A 24 -8.12 -12.09 -7.69
C MET A 24 -7.90 -13.53 -8.11
N TRP A 25 -7.60 -13.73 -9.38
CA TRP A 25 -7.20 -15.02 -9.91
C TRP A 25 -5.82 -14.88 -10.54
N ILE A 26 -5.02 -15.94 -10.43
CA ILE A 26 -3.62 -15.90 -10.85
C ILE A 26 -3.29 -17.14 -11.69
N TYR A 27 -2.47 -16.94 -12.72
CA TYR A 27 -1.90 -18.02 -13.51
C TYR A 27 -0.38 -17.93 -13.38
N VAL A 28 0.23 -18.92 -12.74
CA VAL A 28 1.68 -18.98 -12.58
C VAL A 28 2.20 -20.17 -13.37
N PRO A 29 3.05 -19.95 -14.37
CA PRO A 29 3.58 -21.07 -15.15
C PRO A 29 4.48 -21.96 -14.30
N ASP A 30 4.57 -23.23 -14.71
CA ASP A 30 5.40 -24.21 -14.00
C ASP A 30 6.85 -23.76 -13.93
N GLN A 31 7.35 -23.13 -14.99
CA GLN A 31 8.71 -22.62 -15.04
C GLN A 31 8.65 -21.10 -15.05
N LEU A 32 8.98 -20.50 -13.91
CA LEU A 32 9.00 -19.05 -13.79
C LEU A 32 10.38 -18.51 -14.14
N ALA A 33 10.39 -17.33 -14.76
CA ALA A 33 11.63 -16.60 -14.88
C ALA A 33 12.15 -16.25 -13.49
N ALA A 34 13.45 -16.03 -13.40
CA ALA A 34 14.00 -15.38 -12.22
C ALA A 34 13.51 -13.95 -12.19
N ASN A 35 12.87 -13.56 -11.08
CA ASN A 35 12.23 -12.25 -10.95
C ASN A 35 11.24 -12.05 -12.09
N PRO A 36 10.09 -12.73 -12.04
CA PRO A 36 9.18 -12.71 -13.19
C PRO A 36 8.45 -11.38 -13.35
N ALA A 37 8.14 -11.08 -14.60
CA ALA A 37 7.20 -10.00 -14.91
C ALA A 37 5.77 -10.40 -14.51
N VAL A 38 4.92 -9.39 -14.36
CA VAL A 38 3.51 -9.58 -14.03
C VAL A 38 2.67 -8.85 -15.06
N ILE A 39 1.69 -9.54 -15.63
CA ILE A 39 0.74 -8.91 -16.55
C ILE A 39 -0.65 -9.03 -15.96
N VAL A 40 -1.28 -7.89 -15.71
CA VAL A 40 -2.66 -7.84 -15.26
C VAL A 40 -3.55 -7.86 -16.49
N ALA A 41 -4.52 -8.77 -16.51
CA ALA A 41 -5.36 -8.99 -17.67
C ALA A 41 -6.83 -8.81 -17.26
N LEU A 42 -7.50 -7.83 -17.87
CA LEU A 42 -8.73 -7.25 -17.34
C LEU A 42 -9.92 -7.57 -18.24
N HIS A 43 -10.91 -8.26 -17.68
CA HIS A 43 -12.10 -8.66 -18.42
C HIS A 43 -12.99 -7.45 -18.74
N GLY A 44 -13.90 -7.67 -19.68
CA GLY A 44 -14.86 -6.65 -20.06
C GLY A 44 -16.14 -6.74 -19.26
N CYS A 45 -17.04 -5.78 -19.51
CA CYS A 45 -18.34 -5.76 -18.84
C CYS A 45 -19.05 -7.08 -19.02
N LEU A 46 -19.78 -7.47 -17.98
CA LEU A 46 -20.58 -8.69 -17.92
C LEU A 46 -19.72 -9.94 -17.96
N GLY A 47 -18.39 -9.81 -17.94
CA GLY A 47 -17.50 -10.94 -17.96
C GLY A 47 -16.97 -11.28 -16.59
N SER A 48 -15.85 -11.99 -16.57
CA SER A 48 -15.29 -12.47 -15.31
C SER A 48 -13.83 -12.77 -15.52
N ALA A 49 -13.12 -12.94 -14.40
CA ALA A 49 -11.71 -13.32 -14.44
C ALA A 49 -11.52 -14.67 -15.12
N GLU A 50 -12.31 -15.68 -14.73
CA GLU A 50 -12.22 -16.99 -15.38
C GLU A 50 -12.61 -16.90 -16.86
N GLY A 51 -13.60 -16.06 -17.17
CA GLY A 51 -13.99 -15.90 -18.57
C GLY A 51 -12.90 -15.28 -19.44
N TYR A 52 -12.20 -14.28 -18.91
CA TYR A 52 -11.13 -13.64 -19.71
C TYR A 52 -9.95 -14.56 -19.85
N TYR A 53 -9.66 -15.37 -18.83
CA TYR A 53 -8.63 -16.40 -18.94
C TYR A 53 -8.90 -17.32 -20.13
N SER A 54 -10.15 -17.72 -20.34
CA SER A 54 -10.42 -18.58 -21.48
C SER A 54 -10.66 -17.79 -22.77
N GLU A 55 -11.02 -16.50 -22.68
CA GLU A 55 -11.25 -15.70 -23.88
C GLU A 55 -9.95 -15.41 -24.61
N VAL A 56 -8.91 -15.02 -23.90
CA VAL A 56 -7.63 -14.71 -24.55
C VAL A 56 -6.74 -15.94 -24.44
N GLN A 57 -7.01 -16.92 -25.31
CA GLN A 57 -6.39 -18.24 -25.18
C GLN A 57 -4.88 -18.21 -25.40
N ASP A 58 -4.36 -17.16 -26.03
CA ASP A 58 -2.93 -17.08 -26.33
C ASP A 58 -2.11 -16.58 -25.16
N LEU A 59 -2.73 -15.96 -24.15
CA LEU A 59 -1.93 -15.36 -23.08
C LEU A 59 -1.29 -16.41 -22.17
N PRO A 60 -2.01 -17.41 -21.67
CA PRO A 60 -1.36 -18.39 -20.77
C PRO A 60 -0.24 -19.17 -21.44
N PRO A 61 -0.38 -19.62 -22.70
CA PRO A 61 0.77 -20.27 -23.34
C PRO A 61 1.96 -19.36 -23.45
N ALA A 62 1.71 -18.06 -23.64
CA ALA A 62 2.80 -17.10 -23.68
C ALA A 62 3.45 -16.96 -22.31
N ALA A 63 2.66 -17.02 -21.24
CA ALA A 63 3.25 -17.06 -19.91
C ALA A 63 4.13 -18.30 -19.73
N ASP A 64 3.66 -19.46 -20.20
CA ASP A 64 4.45 -20.69 -20.12
C ASP A 64 5.80 -20.52 -20.80
N GLU A 65 5.80 -19.91 -21.98
CA GLU A 65 7.00 -19.80 -22.79
C GLU A 65 7.97 -18.74 -22.28
N ASN A 66 7.48 -17.72 -21.61
CA ASN A 66 8.35 -16.61 -21.22
C ASN A 66 8.49 -16.46 -19.71
N GLY A 67 7.80 -17.28 -18.93
CA GLY A 67 7.99 -17.26 -17.49
C GLY A 67 7.52 -16.01 -16.77
N PHE A 68 6.47 -15.35 -17.26
CA PHE A 68 5.85 -14.28 -16.50
C PHE A 68 4.54 -14.78 -15.88
N ILE A 69 4.02 -13.98 -14.96
CA ILE A 69 2.80 -14.30 -14.22
C ILE A 69 1.65 -13.50 -14.79
N LEU A 70 0.46 -14.13 -14.87
CA LEU A 70 -0.78 -13.45 -15.23
C LEU A 70 -1.66 -13.28 -14.00
N VAL A 71 -2.14 -12.06 -13.77
CA VAL A 71 -3.13 -11.79 -12.74
C VAL A 71 -4.42 -11.39 -13.44
N TYR A 72 -5.51 -12.08 -13.13
CA TYR A 72 -6.84 -11.76 -13.65
C TYR A 72 -7.70 -11.21 -12.53
N PRO A 73 -7.81 -9.90 -12.37
CA PRO A 73 -8.77 -9.35 -11.41
C PRO A 73 -10.18 -9.57 -11.89
N GLY A 74 -11.11 -9.67 -10.94
CA GLY A 74 -12.51 -9.83 -11.28
C GLY A 74 -13.42 -8.84 -10.58
N SER A 75 -14.34 -8.24 -11.34
CA SER A 75 -15.31 -7.30 -10.80
C SER A 75 -16.65 -7.99 -10.67
N ASN A 76 -17.27 -7.85 -9.50
CA ASN A 76 -18.62 -8.35 -9.26
C ASN A 76 -19.60 -7.22 -8.97
N ASP A 77 -19.23 -5.99 -9.30
CA ASP A 77 -20.07 -4.82 -9.14
C ASP A 77 -20.44 -4.26 -10.50
N ASP A 78 -21.56 -3.53 -10.53
CA ASP A 78 -21.92 -2.72 -11.69
C ASP A 78 -21.92 -3.55 -12.97
N PHE A 79 -22.64 -4.69 -12.91
CA PHE A 79 -22.78 -5.60 -14.05
C PHE A 79 -21.43 -6.18 -14.49
N HIS A 80 -20.57 -6.42 -13.50
CA HIS A 80 -19.21 -6.95 -13.74
C HIS A 80 -18.39 -6.00 -14.63
N CYS A 81 -18.48 -4.69 -14.37
CA CYS A 81 -17.72 -3.68 -15.09
C CYS A 81 -16.71 -3.02 -14.16
N TRP A 82 -15.63 -2.52 -14.75
CA TRP A 82 -14.62 -1.81 -13.97
C TRP A 82 -15.05 -0.37 -13.71
N ASP A 83 -14.84 0.07 -12.48
CA ASP A 83 -15.16 1.43 -12.06
C ASP A 83 -14.19 2.40 -12.72
N VAL A 84 -14.65 3.14 -13.72
CA VAL A 84 -13.81 4.15 -14.36
C VAL A 84 -14.48 5.51 -14.19
N ALA A 85 -15.27 5.66 -13.13
CA ALA A 85 -16.11 6.84 -13.00
C ALA A 85 -15.95 7.58 -11.67
N THR A 86 -15.64 6.87 -10.58
CA THR A 86 -15.59 7.56 -9.30
C THR A 86 -14.24 8.24 -9.11
N ALA A 87 -14.26 9.33 -8.34
CA ALA A 87 -13.02 10.01 -7.98
C ALA A 87 -12.04 9.03 -7.36
N GLU A 88 -12.55 8.10 -6.53
CA GLU A 88 -11.68 7.11 -5.91
C GLU A 88 -10.94 6.27 -6.94
N SER A 89 -11.67 5.68 -7.90
CA SER A 89 -11.00 4.77 -8.83
C SER A 89 -10.13 5.54 -9.81
N LEU A 90 -10.50 6.78 -10.14
CA LEU A 90 -9.77 7.53 -11.14
C LEU A 90 -8.49 8.15 -10.60
N THR A 91 -8.29 8.18 -9.29
CA THR A 91 -7.23 8.97 -8.69
C THR A 91 -6.17 8.07 -8.06
N HIS A 92 -4.91 8.48 -8.18
CA HIS A 92 -3.81 7.82 -7.49
C HIS A 92 -4.11 7.70 -6.01
N ASP A 93 -4.07 6.47 -5.49
CA ASP A 93 -4.34 6.14 -4.09
C ASP A 93 -5.75 6.48 -3.65
N GLY A 94 -6.67 6.61 -4.60
CA GLY A 94 -8.05 6.96 -4.29
C GLY A 94 -8.88 5.83 -3.70
N GLY A 95 -8.75 4.62 -4.23
CA GLY A 95 -9.54 3.51 -3.75
C GLY A 95 -10.23 2.75 -4.85
N SER A 96 -11.34 2.10 -4.52
CA SER A 96 -12.19 1.35 -5.45
C SER A 96 -11.34 0.32 -6.23
N ASP A 97 -11.75 0.03 -7.47
CA ASP A 97 -11.17 -1.07 -8.23
C ASP A 97 -9.69 -0.83 -8.55
N SER A 98 -9.33 0.39 -8.96
CA SER A 98 -7.93 0.62 -9.36
C SER A 98 -6.99 0.33 -8.20
N ARG A 99 -7.34 0.77 -6.98
CA ARG A 99 -6.45 0.49 -5.85
CA ARG A 99 -6.45 0.50 -5.86
C ARG A 99 -6.43 -0.99 -5.52
N SER A 100 -7.58 -1.66 -5.61
CA SER A 100 -7.58 -3.11 -5.37
C SER A 100 -6.65 -3.83 -6.35
N ILE A 101 -6.67 -3.43 -7.62
CA ILE A 101 -5.80 -4.06 -8.62
C ILE A 101 -4.33 -3.84 -8.29
N VAL A 102 -3.97 -2.60 -7.88
CA VAL A 102 -2.58 -2.32 -7.50
C VAL A 102 -2.17 -3.20 -6.32
N ASN A 103 -3.08 -3.39 -5.37
CA ASN A 103 -2.78 -4.26 -4.23
C ASN A 103 -2.58 -5.71 -4.68
N MET A 104 -3.36 -6.16 -5.66
CA MET A 104 -3.14 -7.49 -6.24
C MET A 104 -1.74 -7.59 -6.82
N VAL A 105 -1.30 -6.52 -7.50
CA VAL A 105 0.05 -6.47 -8.03
C VAL A 105 1.07 -6.55 -6.92
N GLN A 106 0.91 -5.74 -5.86
CA GLN A 106 1.89 -5.76 -4.78
CA GLN A 106 1.89 -5.76 -4.78
C GLN A 106 1.98 -7.13 -4.12
N TYR A 107 0.82 -7.78 -3.94
CA TYR A 107 0.80 -9.13 -3.37
C TYR A 107 1.62 -10.08 -4.24
N THR A 108 1.47 -9.99 -5.55
CA THR A 108 2.12 -10.91 -6.47
C THR A 108 3.63 -10.70 -6.48
N LEU A 109 4.06 -9.44 -6.56
CA LEU A 109 5.49 -9.14 -6.53
C LEU A 109 6.13 -9.67 -5.26
N ASP A 110 5.44 -9.47 -4.12
CA ASP A 110 5.99 -9.89 -2.84
C ASP A 110 6.02 -11.41 -2.70
N LYS A 111 4.93 -12.10 -3.08
CA LYS A 111 4.88 -13.54 -2.87
C LYS A 111 5.72 -14.32 -3.87
N TYR A 112 5.85 -13.84 -5.10
CA TYR A 112 6.53 -14.60 -6.14
C TYR A 112 7.86 -13.98 -6.53
N SER A 113 8.37 -13.05 -5.73
CA SER A 113 9.65 -12.40 -5.97
C SER A 113 9.69 -11.83 -7.39
N GLY A 114 8.60 -11.16 -7.77
CA GLY A 114 8.49 -10.60 -9.09
C GLY A 114 9.31 -9.34 -9.26
N ASP A 115 9.49 -8.97 -10.53
CA ASP A 115 10.24 -7.79 -10.93
C ASP A 115 9.29 -6.59 -10.98
N SER A 116 9.40 -5.69 -9.99
CA SER A 116 8.50 -4.55 -9.91
C SER A 116 8.65 -3.58 -11.07
N SER A 117 9.73 -3.67 -11.86
CA SER A 117 9.89 -2.82 -13.04
C SER A 117 9.26 -3.45 -14.28
N LYS A 118 8.67 -4.63 -14.16
CA LYS A 118 8.04 -5.31 -15.29
CA LYS A 118 8.05 -5.33 -15.27
C LYS A 118 6.61 -5.69 -14.93
N VAL A 119 5.79 -4.70 -14.56
CA VAL A 119 4.36 -4.91 -14.33
C VAL A 119 3.61 -4.22 -15.45
N PHE A 120 2.71 -4.96 -16.07
CA PHE A 120 1.99 -4.48 -17.23
C PHE A 120 0.51 -4.77 -17.05
N THR A 121 -0.29 -4.13 -17.89
CA THR A 121 -1.72 -4.43 -17.88
C THR A 121 -2.28 -4.43 -19.30
N THR A 122 -3.26 -5.31 -19.54
CA THR A 122 -3.96 -5.34 -20.80
C THR A 122 -5.42 -5.66 -20.49
N GLY A 123 -6.33 -5.21 -21.35
CA GLY A 123 -7.74 -5.48 -21.13
C GLY A 123 -8.55 -5.13 -22.36
N SER A 124 -9.81 -5.58 -22.34
CA SER A 124 -10.72 -5.43 -23.45
C SER A 124 -11.94 -4.66 -23.00
N SER A 125 -12.33 -3.65 -23.80
CA SER A 125 -13.47 -2.79 -23.51
CA SER A 125 -13.46 -2.78 -23.52
C SER A 125 -13.37 -2.22 -22.10
N SER A 126 -14.29 -2.58 -21.20
CA SER A 126 -14.19 -2.08 -19.83
C SER A 126 -12.78 -2.31 -19.25
N GLY A 127 -12.18 -3.48 -19.51
CA GLY A 127 -10.83 -3.72 -19.04
C GLY A 127 -9.80 -2.82 -19.71
N ALA A 128 -10.02 -2.49 -20.99
CA ALA A 128 -9.17 -1.51 -21.66
C ALA A 128 -9.32 -0.13 -21.03
N MET A 129 -10.56 0.24 -20.69
CA MET A 129 -10.80 1.49 -19.98
C MET A 129 -9.99 1.54 -18.68
N MET A 130 -10.03 0.45 -17.92
CA MET A 130 -9.28 0.40 -16.67
C MET A 130 -7.76 0.38 -16.91
N SER A 131 -7.28 -0.25 -17.99
CA SER A 131 -5.84 -0.22 -18.26
CA SER A 131 -5.84 -0.22 -18.26
C SER A 131 -5.34 1.21 -18.41
N LEU A 132 -6.16 2.08 -19.00
CA LEU A 132 -5.75 3.48 -19.13
C LEU A 132 -5.89 4.23 -17.81
N VAL A 133 -6.87 3.87 -16.97
CA VAL A 133 -6.91 4.39 -15.61
C VAL A 133 -5.63 4.02 -14.86
N LEU A 134 -5.22 2.76 -14.97
CA LEU A 134 -4.00 2.33 -14.27
C LEU A 134 -2.77 3.07 -14.80
N ALA A 135 -2.74 3.34 -16.11
CA ALA A 135 -1.63 4.09 -16.68
C ALA A 135 -1.57 5.52 -16.15
N ALA A 136 -2.73 6.17 -16.04
CA ALA A 136 -2.72 7.57 -15.64
C ALA A 136 -2.60 7.73 -14.14
N ALA A 137 -3.23 6.84 -13.36
CA ALA A 137 -3.28 6.98 -11.92
C ALA A 137 -2.13 6.27 -11.22
N TYR A 138 -1.56 5.23 -11.84
CA TYR A 138 -0.46 4.47 -11.24
C TYR A 138 0.72 4.30 -12.19
N PRO A 139 1.26 5.40 -12.75
CA PRO A 139 2.48 5.28 -13.57
C PRO A 139 3.70 4.86 -12.77
N ASP A 140 3.62 4.91 -11.44
CA ASP A 140 4.70 4.41 -10.58
C ASP A 140 4.64 2.90 -10.41
N VAL A 141 3.59 2.25 -10.89
CA VAL A 141 3.41 0.81 -10.76
C VAL A 141 3.56 0.10 -12.10
N PHE A 142 2.97 0.62 -13.15
CA PHE A 142 2.93 -0.07 -14.43
C PHE A 142 3.96 0.49 -15.40
N SER A 143 4.60 -0.41 -16.13
CA SER A 143 5.61 -0.08 -17.13
CA SER A 143 5.58 0.00 -17.12
C SER A 143 5.03 0.03 -18.53
N GLY A 144 3.87 -0.58 -18.78
CA GLY A 144 3.28 -0.56 -20.10
C GLY A 144 1.86 -1.06 -20.03
N VAL A 145 0.99 -0.58 -20.92
CA VAL A 145 -0.41 -1.00 -20.95
C VAL A 145 -0.82 -1.24 -22.39
N ALA A 146 -1.78 -2.13 -22.58
CA ALA A 146 -2.34 -2.40 -23.91
C ALA A 146 -3.86 -2.42 -23.77
N ALA A 147 -4.52 -1.44 -24.37
CA ALA A 147 -5.96 -1.25 -24.24
C ALA A 147 -6.61 -1.63 -25.56
N TYR A 148 -7.43 -2.69 -25.52
CA TYR A 148 -8.15 -3.18 -26.69
C TYR A 148 -9.59 -2.67 -26.63
N SER A 149 -9.92 -1.72 -27.52
CA SER A 149 -11.31 -1.29 -27.73
C SER A 149 -11.90 -0.57 -26.51
N GLY A 150 -11.18 0.43 -26.01
CA GLY A 150 -11.66 1.17 -24.87
C GLY A 150 -12.03 2.62 -25.12
N VAL A 151 -11.87 3.44 -24.08
CA VAL A 151 -12.30 4.83 -24.00
C VAL A 151 -11.18 5.62 -23.36
N PRO A 152 -10.96 6.89 -23.76
CA PRO A 152 -9.88 7.69 -23.16
C PRO A 152 -10.06 7.86 -21.66
N TYR A 153 -8.92 7.97 -20.96
CA TYR A 153 -8.95 8.13 -19.51
C TYR A 153 -9.73 9.39 -19.12
N GLY A 154 -10.65 9.25 -18.16
CA GLY A 154 -11.40 10.37 -17.63
C GLY A 154 -12.69 10.69 -18.34
N CYS A 155 -12.99 10.00 -19.45
CA CYS A 155 -14.21 10.29 -20.18
C CYS A 155 -15.44 10.11 -19.28
N LEU A 156 -15.42 9.11 -18.41
CA LEU A 156 -16.58 8.82 -17.58
CA LEU A 156 -16.56 8.77 -17.56
C LEU A 156 -16.51 9.46 -16.20
N ARG A 157 -15.58 10.39 -15.99
CA ARG A 157 -15.51 11.07 -14.69
C ARG A 157 -16.84 11.71 -14.34
N GLY A 158 -17.35 11.39 -13.15
CA GLY A 158 -18.64 11.89 -12.70
C GLY A 158 -19.84 11.14 -13.23
N SER A 159 -19.65 10.15 -14.10
CA SER A 159 -20.79 9.35 -14.56
C SER A 159 -21.37 8.55 -13.39
N PRO A 160 -22.69 8.33 -13.39
CA PRO A 160 -23.32 7.55 -12.30
C PRO A 160 -23.03 6.07 -12.36
N GLY A 161 -22.25 5.60 -13.32
CA GLY A 161 -21.86 4.20 -13.37
C GLY A 161 -20.87 4.01 -14.50
N SER A 162 -20.49 2.74 -14.69
CA SER A 162 -19.50 2.39 -15.70
C SER A 162 -19.96 1.24 -16.58
N SER A 163 -21.26 1.01 -16.70
CA SER A 163 -21.79 -0.14 -17.42
C SER A 163 -22.74 0.32 -18.51
N PRO A 164 -23.08 -0.57 -19.46
CA PRO A 164 -24.10 -0.21 -20.47
C PRO A 164 -25.46 0.14 -19.86
N PHE A 165 -25.69 -0.17 -18.60
CA PHE A 165 -26.98 0.06 -17.97
C PHE A 165 -26.94 1.13 -16.89
N THR A 166 -25.75 1.66 -16.58
CA THR A 166 -25.61 2.65 -15.52
C THR A 166 -24.80 3.86 -15.92
N ALA A 167 -23.93 3.77 -16.91
CA ALA A 167 -23.09 4.90 -17.28
C ALA A 167 -23.89 5.95 -18.05
N ASP A 168 -23.44 7.19 -17.98
CA ASP A 168 -23.74 8.13 -19.05
C ASP A 168 -23.22 7.52 -20.34
N GLN A 169 -24.09 7.36 -21.33
CA GLN A 169 -23.71 6.66 -22.56
C GLN A 169 -22.97 7.54 -23.56
N ALA A 170 -22.73 8.82 -23.24
CA ALA A 170 -22.06 9.71 -24.20
C ALA A 170 -20.71 9.14 -24.66
N CYS A 171 -19.92 8.60 -23.73
CA CYS A 171 -18.59 8.12 -24.11
C CYS A 171 -18.69 6.90 -25.02
N ALA A 172 -19.46 5.88 -24.62
CA ALA A 172 -19.56 4.68 -25.45
C ALA A 172 -20.15 4.99 -26.81
N ASN A 173 -21.04 6.00 -26.89
CA ASN A 173 -21.66 6.37 -28.16
C ASN A 173 -20.74 7.18 -29.04
N GLY A 174 -19.57 7.56 -28.54
CA GLY A 174 -18.64 8.38 -29.29
C GLY A 174 -19.03 9.83 -29.38
N GLU A 175 -19.81 10.33 -28.43
CA GLU A 175 -20.30 11.71 -28.45
C GLU A 175 -19.38 12.69 -27.73
N VAL A 176 -18.36 12.20 -27.04
CA VAL A 176 -17.45 13.08 -26.29
C VAL A 176 -16.22 13.32 -27.13
N SER A 177 -15.96 14.58 -27.44
CA SER A 177 -14.74 14.93 -28.14
C SER A 177 -14.10 16.09 -27.40
N ARG A 178 -12.80 15.96 -27.13
CA ARG A 178 -12.04 16.98 -26.44
C ARG A 178 -10.71 17.15 -27.16
N THR A 179 -10.07 18.29 -26.92
CA THR A 179 -8.78 18.52 -27.55
C THR A 179 -7.72 17.66 -26.90
N ALA A 180 -6.63 17.46 -27.63
CA ALA A 180 -5.50 16.73 -27.09
C ALA A 180 -5.06 17.35 -25.75
N GLN A 181 -5.01 18.69 -25.68
CA GLN A 181 -4.63 19.35 -24.44
C GLN A 181 -5.60 19.02 -23.30
N GLU A 182 -6.90 19.02 -23.59
CA GLU A 182 -7.87 18.70 -22.54
C GLU A 182 -7.73 17.27 -22.07
N TRP A 183 -7.49 16.34 -23.00
CA TRP A 183 -7.28 14.96 -22.60
C TRP A 183 -6.00 14.78 -21.82
N LYS A 184 -4.96 15.55 -22.14
CA LYS A 184 -3.73 15.52 -21.34
C LYS A 184 -4.01 16.05 -19.94
N ASP A 185 -4.76 17.16 -19.85
CA ASP A 185 -5.18 17.67 -18.55
C ASP A 185 -5.92 16.62 -17.75
N GLU A 186 -6.75 15.80 -18.40
CA GLU A 186 -7.43 14.73 -17.69
C GLU A 186 -6.44 13.77 -17.07
N VAL A 187 -5.43 13.35 -17.85
CA VAL A 187 -4.44 12.42 -17.33
C VAL A 187 -3.74 13.02 -16.11
N LYS A 188 -3.39 14.31 -16.16
CA LYS A 188 -2.70 14.93 -15.02
C LYS A 188 -3.58 14.93 -13.78
N MET A 189 -4.90 15.01 -13.97
CA MET A 189 -5.83 15.02 -12.84
CA MET A 189 -5.85 15.00 -12.86
CA MET A 189 -5.82 15.02 -12.84
C MET A 189 -5.84 13.68 -12.10
N ALA A 190 -5.35 12.60 -12.72
CA ALA A 190 -5.32 11.31 -12.05
C ALA A 190 -4.38 11.34 -10.86
N TRP A 191 -3.38 12.22 -10.92
CA TRP A 191 -2.36 12.30 -9.88
C TRP A 191 -1.82 13.71 -9.90
N PRO A 192 -2.55 14.65 -9.30
CA PRO A 192 -2.11 16.05 -9.32
C PRO A 192 -0.75 16.18 -8.64
N GLY A 193 0.13 16.92 -9.28
CA GLY A 193 1.46 17.05 -8.74
C GLY A 193 2.43 15.94 -9.07
N TYR A 194 1.99 14.90 -9.79
CA TYR A 194 2.94 13.88 -10.24
C TYR A 194 3.97 14.52 -11.17
N ASN A 195 5.24 14.14 -10.97
CA ASN A 195 6.35 14.75 -11.70
C ASN A 195 6.98 13.85 -12.75
N GLY A 196 6.59 12.58 -12.80
CA GLY A 196 7.36 11.57 -13.49
C GLY A 196 6.86 11.26 -14.88
N THR A 197 7.28 10.11 -15.38
CA THR A 197 6.94 9.63 -16.70
C THR A 197 5.71 8.73 -16.64
N TYR A 198 5.16 8.44 -17.80
CA TYR A 198 4.03 7.55 -17.92
C TYR A 198 4.43 6.28 -18.64
N PRO A 199 3.71 5.19 -18.41
CA PRO A 199 4.04 3.91 -19.05
C PRO A 199 3.74 3.95 -20.54
N LYS A 200 4.41 3.07 -21.28
N LYS A 200 4.46 3.08 -21.27
CA LYS A 200 4.20 3.03 -22.72
CA LYS A 200 4.18 2.84 -22.68
C LYS A 200 2.83 2.43 -23.03
C LYS A 200 2.70 2.50 -22.88
N VAL A 201 2.06 3.14 -23.85
CA VAL A 201 0.65 2.91 -24.07
C VAL A 201 0.43 2.39 -25.49
N GLN A 202 -0.30 1.29 -25.61
CA GLN A 202 -0.66 0.72 -26.89
C GLN A 202 -2.19 0.61 -26.94
N VAL A 203 -2.82 1.24 -27.93
CA VAL A 203 -4.28 1.16 -28.03
C VAL A 203 -4.68 0.52 -29.37
N TRP A 204 -5.83 -0.17 -29.34
CA TRP A 204 -6.41 -0.86 -30.48
C TRP A 204 -7.90 -0.53 -30.58
N HIS A 205 -8.42 -0.43 -31.80
CA HIS A 205 -9.86 -0.31 -31.95
C HIS A 205 -10.27 -0.79 -33.33
N GLY A 206 -11.51 -1.25 -33.44
CA GLY A 206 -12.08 -1.70 -34.71
C GLY A 206 -13.05 -0.67 -35.25
N THR A 207 -13.04 -0.49 -36.58
CA THR A 207 -13.88 0.52 -37.21
C THR A 207 -15.35 0.16 -37.20
N ALA A 208 -15.68 -1.09 -36.90
CA ALA A 208 -17.06 -1.56 -36.94
C ALA A 208 -17.62 -1.80 -35.54
N ASP A 209 -16.98 -1.25 -34.51
CA ASP A 209 -17.37 -1.50 -33.12
C ASP A 209 -18.70 -0.81 -32.82
N SER A 210 -19.75 -1.58 -32.60
CA SER A 210 -21.08 -1.03 -32.31
C SER A 210 -21.32 -0.86 -30.82
N VAL A 211 -20.41 -1.32 -29.97
CA VAL A 211 -20.54 -1.20 -28.52
C VAL A 211 -19.82 0.05 -28.02
N ILE A 212 -18.52 0.16 -28.31
CA ILE A 212 -17.72 1.34 -27.97
C ILE A 212 -17.33 2.01 -29.28
N SER A 213 -17.83 3.22 -29.50
CA SER A 213 -17.66 3.89 -30.78
C SER A 213 -16.17 4.02 -31.13
N PRO A 214 -15.81 3.77 -32.39
CA PRO A 214 -14.42 4.01 -32.81
C PRO A 214 -13.99 5.47 -32.73
N ASN A 215 -14.92 6.42 -32.57
CA ASN A 215 -14.52 7.79 -32.24
C ASN A 215 -13.62 7.82 -31.01
N ASN A 216 -13.79 6.84 -30.10
CA ASN A 216 -12.95 6.82 -28.91
C ASN A 216 -11.49 6.56 -29.24
N PHE A 217 -11.23 5.89 -30.36
CA PHE A 217 -9.84 5.68 -30.80
C PHE A 217 -9.18 7.02 -31.09
N ASP A 218 -9.87 7.89 -31.84
CA ASP A 218 -9.35 9.22 -32.12
C ASP A 218 -9.07 9.98 -30.82
N GLU A 219 -9.96 9.85 -29.83
CA GLU A 219 -9.80 10.57 -28.58
C GLU A 219 -8.63 10.02 -27.77
N GLU A 220 -8.45 8.70 -27.76
CA GLU A 220 -7.27 8.12 -27.11
C GLU A 220 -5.98 8.56 -27.78
N VAL A 221 -6.00 8.68 -29.11
CA VAL A 221 -4.82 9.12 -29.84
C VAL A 221 -4.49 10.55 -29.46
N LYS A 222 -5.49 11.42 -29.43
CA LYS A 222 -5.27 12.79 -28.97
C LYS A 222 -4.70 12.80 -27.55
N GLN A 223 -5.26 11.97 -26.66
CA GLN A 223 -4.85 11.96 -25.27
C GLN A 223 -3.37 11.62 -25.08
N TRP A 224 -2.95 10.48 -25.63
CA TRP A 224 -1.61 10.01 -25.30
C TRP A 224 -0.53 10.61 -26.20
N SER A 225 -0.88 11.05 -27.41
CA SER A 225 0.07 11.86 -28.17
C SER A 225 0.37 13.17 -27.43
N ALA A 226 -0.64 13.76 -26.79
CA ALA A 226 -0.42 14.96 -26.00
C ALA A 226 0.40 14.66 -24.74
N VAL A 227 0.09 13.56 -24.04
CA VAL A 227 0.83 13.24 -22.82
C VAL A 227 2.32 13.13 -23.10
N PHE A 228 2.67 12.48 -24.20
CA PHE A 228 4.08 12.26 -24.53
C PHE A 228 4.66 13.31 -25.44
N GLY A 229 3.84 14.24 -25.95
CA GLY A 229 4.35 15.29 -26.80
C GLY A 229 4.88 14.81 -28.13
N VAL A 230 4.14 13.93 -28.78
CA VAL A 230 4.59 13.28 -30.00
C VAL A 230 3.51 13.35 -31.07
N ASN A 231 3.96 13.38 -32.32
CA ASN A 231 3.10 13.23 -33.49
C ASN A 231 3.35 11.89 -34.16
N VAL A 232 2.44 11.52 -35.06
CA VAL A 232 2.68 10.34 -35.88
C VAL A 232 3.92 10.56 -36.72
N THR A 233 4.83 9.58 -36.67
CA THR A 233 6.05 9.63 -37.44
C THR A 233 6.18 8.51 -38.46
N LYS A 234 5.43 7.42 -38.29
CA LYS A 234 5.50 6.26 -39.16
C LYS A 234 4.16 5.54 -39.11
N GLU A 235 3.74 4.99 -40.25
CA GLU A 235 2.53 4.18 -40.29
C GLU A 235 2.82 2.90 -41.04
N GLU A 236 2.26 1.80 -40.55
CA GLU A 236 2.42 0.50 -41.18
C GLU A 236 1.03 -0.01 -41.54
N GLN A 237 0.82 -0.32 -42.81
CA GLN A 237 -0.44 -0.89 -43.25
C GLN A 237 -0.42 -2.41 -43.07
N ASP A 238 -1.61 -2.98 -42.89
CA ASP A 238 -1.78 -4.42 -42.72
C ASP A 238 -0.82 -4.96 -41.66
N SER A 239 -0.76 -4.26 -40.53
CA SER A 239 0.23 -4.50 -39.50
C SER A 239 -0.45 -4.52 -38.14
N PRO A 240 -0.53 -5.69 -37.45
CA PRO A 240 0.06 -6.99 -37.76
C PRO A 240 -0.77 -7.89 -38.66
N LEU A 241 -2.00 -7.47 -38.96
CA LEU A 241 -2.93 -8.27 -39.75
C LEU A 241 -3.53 -7.40 -40.84
N ASP A 242 -4.02 -8.05 -41.90
CA ASP A 242 -4.70 -7.33 -42.98
C ASP A 242 -5.79 -6.43 -42.41
N GLY A 243 -5.80 -5.18 -42.87
CA GLY A 243 -6.76 -4.21 -42.38
C GLY A 243 -6.36 -3.45 -41.14
N TYR A 244 -5.31 -3.86 -40.45
CA TYR A 244 -4.84 -3.15 -39.25
C TYR A 244 -3.84 -2.09 -39.69
N THR A 245 -4.13 -0.83 -39.36
CA THR A 245 -3.20 0.26 -39.60
C THR A 245 -2.52 0.62 -38.29
N ARG A 246 -1.20 0.51 -38.26
CA ARG A 246 -0.39 0.79 -37.09
C ARG A 246 0.15 2.20 -37.20
N SER A 247 -0.16 3.05 -36.22
CA SER A 247 0.39 4.40 -36.15
C SER A 247 1.46 4.45 -35.08
N ILE A 248 2.66 4.86 -35.46
CA ILE A 248 3.81 4.94 -34.57
C ILE A 248 4.10 6.41 -34.31
N PHE A 249 4.29 6.76 -33.04
CA PHE A 249 4.42 8.15 -32.64
C PHE A 249 5.82 8.46 -32.15
N GLY A 250 6.32 9.63 -32.52
CA GLY A 250 7.62 10.03 -32.00
C GLY A 250 8.70 9.04 -32.38
N ASP A 251 9.58 8.74 -31.42
CA ASP A 251 10.59 7.73 -31.65
C ASP A 251 10.09 6.31 -31.42
N GLY A 252 8.78 6.13 -31.24
CA GLY A 252 8.18 4.82 -31.09
C GLY A 252 8.28 4.19 -29.71
N SER A 253 8.83 4.90 -28.73
CA SER A 253 9.07 4.29 -27.43
C SER A 253 7.96 4.52 -26.41
N HIS A 254 6.93 5.31 -26.73
CA HIS A 254 5.94 5.65 -25.71
C HIS A 254 4.49 5.35 -26.10
N PHE A 255 4.15 5.51 -27.38
CA PHE A 255 2.74 5.41 -27.78
C PHE A 255 2.65 4.85 -29.19
N GLU A 256 1.80 3.84 -29.37
CA GLU A 256 1.45 3.39 -30.72
C GLU A 256 -0.01 2.96 -30.70
N ALA A 257 -0.62 2.98 -31.88
CA ALA A 257 -2.07 2.81 -31.98
C ALA A 257 -2.41 1.99 -33.22
N TYR A 258 -3.45 1.16 -33.12
CA TYR A 258 -3.84 0.27 -34.20
C TYR A 258 -5.33 0.43 -34.47
N LEU A 259 -5.68 0.67 -35.73
CA LEU A 259 -7.08 0.76 -36.16
C LEU A 259 -7.36 -0.37 -37.14
N ALA A 260 -8.33 -1.21 -36.80
CA ALA A 260 -8.60 -2.46 -37.53
C ALA A 260 -9.86 -2.30 -38.36
N GLU A 261 -9.70 -2.26 -39.69
CA GLU A 261 -10.81 -2.09 -40.61
C GLU A 261 -11.77 -3.27 -40.53
N GLY A 262 -13.05 -2.97 -40.30
CA GLY A 262 -14.09 -3.98 -40.33
C GLY A 262 -14.25 -4.76 -39.05
N VAL A 263 -13.33 -4.62 -38.10
CA VAL A 263 -13.40 -5.33 -36.83
C VAL A 263 -14.36 -4.60 -35.89
N GLY A 264 -15.15 -5.36 -35.15
CA GLY A 264 -16.09 -4.81 -34.20
C GLY A 264 -15.62 -4.92 -32.76
N HIS A 265 -16.58 -5.11 -31.87
CA HIS A 265 -16.33 -5.30 -30.44
C HIS A 265 -15.98 -6.76 -30.20
N VAL A 266 -14.74 -7.08 -29.81
CA VAL A 266 -13.59 -6.20 -29.62
C VAL A 266 -12.48 -6.61 -30.60
N VAL A 267 -11.41 -5.84 -30.64
CA VAL A 267 -10.20 -6.27 -31.34
C VAL A 267 -9.61 -7.46 -30.58
N PRO A 268 -9.40 -8.60 -31.23
CA PRO A 268 -8.77 -9.74 -30.55
C PRO A 268 -7.35 -9.41 -30.13
N THR A 269 -6.99 -9.86 -28.94
CA THR A 269 -5.65 -9.57 -28.43
C THR A 269 -4.61 -10.18 -29.34
N GLN A 270 -3.61 -9.36 -29.70
CA GLN A 270 -2.48 -9.76 -30.52
C GLN A 270 -1.29 -9.91 -29.59
N VAL A 271 -1.07 -11.15 -29.12
CA VAL A 271 -0.15 -11.36 -28.01
C VAL A 271 1.28 -10.96 -28.39
N ASP A 272 1.71 -11.28 -29.62
CA ASP A 272 3.07 -10.92 -30.04
C ASP A 272 3.26 -9.41 -30.01
N SER A 273 2.33 -8.67 -30.61
CA SER A 273 2.42 -7.21 -30.66
C SER A 273 2.42 -6.62 -29.27
N THR A 274 1.57 -7.15 -28.38
CA THR A 274 1.49 -6.60 -27.03
C THR A 274 2.69 -7.03 -26.18
N LEU A 275 3.12 -8.29 -26.28
CA LEU A 275 4.30 -8.69 -25.52
C LEU A 275 5.57 -7.99 -26.01
N ARG A 276 5.69 -7.75 -27.32
CA ARG A 276 6.87 -7.02 -27.79
C ARG A 276 6.84 -5.58 -27.30
N TRP A 277 5.65 -4.96 -27.29
CA TRP A 277 5.50 -3.62 -26.74
C TRP A 277 5.97 -3.57 -25.29
N PHE A 278 5.68 -4.62 -24.51
CA PHE A 278 6.08 -4.69 -23.12
C PHE A 278 7.55 -5.07 -22.96
N GLY A 279 8.23 -5.41 -24.06
CA GLY A 279 9.64 -5.76 -24.00
C GLY A 279 9.92 -7.15 -23.48
N LEU A 280 8.94 -8.06 -23.56
CA LEU A 280 9.06 -9.38 -22.97
C LEU A 280 9.45 -10.46 -23.95
N ILE A 281 9.43 -10.19 -25.26
CA ILE A 281 9.84 -11.20 -26.25
C ILE A 281 10.90 -10.69 -27.21
N ALA B 7 3.88 21.12 4.26
CA ALA B 7 3.67 20.84 5.69
C ALA B 7 5.00 20.56 6.40
N THR B 8 5.10 21.00 7.65
CA THR B 8 6.31 20.85 8.43
C THR B 8 5.95 20.53 9.88
N LEU B 9 6.97 20.17 10.66
CA LEU B 9 6.78 19.77 12.04
C LEU B 9 6.71 20.99 12.95
N SER B 10 5.66 21.05 13.78
CA SER B 10 5.40 22.20 14.63
C SER B 10 5.18 21.73 16.06
N GLN B 11 5.66 22.51 17.02
CA GLN B 11 5.50 22.14 18.43
C GLN B 11 4.17 22.66 18.97
N VAL B 12 3.47 21.79 19.68
CA VAL B 12 2.23 22.14 20.37
C VAL B 12 2.60 22.49 21.80
N LEU B 13 2.45 23.77 22.17
CA LEU B 13 2.93 24.21 23.46
C LEU B 13 2.00 23.82 24.61
N ASP B 14 0.70 23.67 24.36
CA ASP B 14 -0.23 23.28 25.41
C ASP B 14 -1.22 22.28 24.82
N PHE B 15 -1.06 21.01 25.15
CA PHE B 15 -1.98 19.97 24.73
C PHE B 15 -2.81 19.41 25.87
N GLY B 16 -2.69 19.96 27.08
CA GLY B 16 -3.40 19.39 28.21
C GLY B 16 -2.47 18.93 29.30
N ASN B 17 -2.98 18.08 30.20
CA ASN B 17 -2.16 17.57 31.29
CA ASN B 17 -2.16 17.56 31.29
C ASN B 17 -0.94 16.84 30.75
N ASN B 18 0.20 17.05 31.39
CA ASN B 18 1.49 16.58 30.90
C ASN B 18 2.29 16.01 32.07
N PRO B 19 1.85 14.88 32.65
CA PRO B 19 2.57 14.33 33.81
C PRO B 19 3.99 13.90 33.51
N GLY B 20 4.29 13.57 32.26
CA GLY B 20 5.64 13.21 31.88
C GLY B 20 6.55 14.37 31.53
N ASP B 21 6.03 15.61 31.54
CA ASP B 21 6.79 16.80 31.17
C ASP B 21 7.44 16.63 29.79
N ASN B 22 6.66 16.14 28.83
CA ASN B 22 7.14 15.87 27.49
C ASN B 22 6.79 17.02 26.54
N GLU B 23 7.51 17.07 25.43
CA GLU B 23 7.14 17.93 24.32
C GLU B 23 6.21 17.19 23.38
N MET B 24 5.40 17.96 22.66
CA MET B 24 4.52 17.40 21.63
C MET B 24 4.82 18.12 20.33
N TRP B 25 5.14 17.37 19.28
CA TRP B 25 5.31 17.94 17.96
C TRP B 25 4.32 17.26 17.02
N ILE B 26 3.79 18.02 16.07
CA ILE B 26 2.72 17.50 15.24
C ILE B 26 3.04 17.80 13.78
N TYR B 27 2.62 16.88 12.91
CA TYR B 27 2.73 17.05 11.47
C TYR B 27 1.34 16.78 10.90
N VAL B 28 0.68 17.83 10.45
CA VAL B 28 -0.65 17.75 9.86
C VAL B 28 -0.50 17.96 8.35
N PRO B 29 -0.86 16.97 7.53
CA PRO B 29 -0.74 17.15 6.07
C PRO B 29 -1.75 18.15 5.56
N ASP B 30 -1.43 18.74 4.40
CA ASP B 30 -2.28 19.79 3.84
C ASP B 30 -3.58 19.20 3.29
N GLN B 31 -3.51 18.00 2.72
CA GLN B 31 -4.68 17.25 2.27
C GLN B 31 -5.02 16.28 3.40
N LEU B 32 -5.95 16.67 4.25
CA LEU B 32 -6.27 15.93 5.46
C LEU B 32 -7.52 15.09 5.21
N ALA B 33 -7.50 13.84 5.69
CA ALA B 33 -8.66 12.99 5.54
C ALA B 33 -9.79 13.45 6.46
N ALA B 34 -11.03 13.14 6.07
N ALA B 34 -11.02 13.11 6.08
CA ALA B 34 -12.20 13.73 6.73
CA ALA B 34 -12.13 13.17 7.01
C ALA B 34 -12.24 13.40 8.21
C ALA B 34 -11.95 12.08 8.06
N ASN B 35 -11.91 12.16 8.57
N ASN B 35 -12.16 12.44 9.33
CA ASN B 35 -11.83 11.72 9.97
CA ASN B 35 -11.87 11.57 10.46
C ASN B 35 -10.46 11.08 10.13
C ASN B 35 -10.45 11.01 10.34
N PRO B 36 -9.43 11.88 10.42
CA PRO B 36 -8.06 11.40 10.21
C PRO B 36 -7.57 10.44 11.29
N ALA B 37 -6.84 9.42 10.84
CA ALA B 37 -6.07 8.57 11.71
C ALA B 37 -4.90 9.36 12.32
N VAL B 38 -4.36 8.84 13.43
CA VAL B 38 -3.23 9.45 14.12
C VAL B 38 -2.17 8.38 14.33
N ILE B 39 -0.92 8.71 14.00
CA ILE B 39 0.20 7.82 14.26
C ILE B 39 1.18 8.54 15.17
N VAL B 40 1.43 7.95 16.34
CA VAL B 40 2.43 8.44 17.28
C VAL B 40 3.77 7.80 16.92
N ALA B 41 4.80 8.62 16.71
CA ALA B 41 6.12 8.13 16.29
C ALA B 41 7.13 8.53 17.35
N LEU B 42 7.79 7.54 17.96
CA LEU B 42 8.54 7.73 19.20
C LEU B 42 10.03 7.55 18.99
N HIS B 43 10.80 8.60 19.30
CA HIS B 43 12.25 8.58 19.15
C HIS B 43 12.91 7.65 20.17
N GLY B 44 14.18 7.36 19.94
CA GLY B 44 14.96 6.54 20.84
C GLY B 44 15.79 7.37 21.82
N CYS B 45 16.49 6.65 22.70
CA CYS B 45 17.33 7.32 23.70
C CYS B 45 18.30 8.27 23.03
N LEU B 46 18.59 9.37 23.73
CA LEU B 46 19.52 10.41 23.29
C LEU B 46 19.00 11.15 22.07
N GLY B 47 17.76 10.90 21.66
CA GLY B 47 17.20 11.49 20.47
C GLY B 47 16.22 12.61 20.77
N SER B 48 15.39 12.92 19.78
CA SER B 48 14.41 14.00 19.92
C SER B 48 13.28 13.80 18.93
N ALA B 49 12.17 14.47 19.20
CA ALA B 49 11.05 14.48 18.26
C ALA B 49 11.48 14.98 16.89
N GLU B 50 12.15 16.14 16.84
CA GLU B 50 12.61 16.68 15.57
C GLU B 50 13.58 15.72 14.88
N GLY B 51 14.44 15.07 15.65
CA GLY B 51 15.38 14.13 15.06
C GLY B 51 14.70 12.91 14.46
N TYR B 52 13.72 12.35 15.16
CA TYR B 52 13.02 11.20 14.64
C TYR B 52 12.20 11.57 13.41
N TYR B 53 11.61 12.77 13.42
CA TYR B 53 10.93 13.30 12.25
C TYR B 53 11.87 13.30 11.04
N SER B 54 13.13 13.68 11.25
CA SER B 54 14.08 13.70 10.15
C SER B 54 14.62 12.31 9.80
N GLU B 55 14.62 11.37 10.75
CA GLU B 55 15.25 10.07 10.52
C GLU B 55 14.33 9.12 9.75
N VAL B 56 13.04 9.10 10.09
CA VAL B 56 12.09 8.18 9.42
C VAL B 56 11.51 8.97 8.25
N GLN B 57 12.30 9.05 7.17
CA GLN B 57 12.02 9.96 6.07
C GLN B 57 10.74 9.60 5.32
N ASP B 58 10.35 8.33 5.33
CA ASP B 58 9.20 7.89 4.56
C ASP B 58 7.87 8.14 5.25
N LEU B 59 7.87 8.55 6.53
CA LEU B 59 6.59 8.72 7.22
C LEU B 59 5.87 9.99 6.79
N PRO B 60 6.49 11.18 6.80
CA PRO B 60 5.74 12.40 6.43
C PRO B 60 5.16 12.34 5.03
N PRO B 61 5.88 11.82 4.02
CA PRO B 61 5.25 11.68 2.69
C PRO B 61 4.07 10.74 2.68
N ALA B 62 4.10 9.69 3.50
CA ALA B 62 2.94 8.81 3.62
C ALA B 62 1.76 9.56 4.23
N ALA B 63 2.01 10.45 5.19
CA ALA B 63 0.92 11.26 5.73
C ALA B 63 0.38 12.22 4.67
N ASP B 64 1.26 12.82 3.87
CA ASP B 64 0.84 13.71 2.79
C ASP B 64 -0.10 13.00 1.83
N GLU B 65 0.24 11.77 1.44
CA GLU B 65 -0.51 11.06 0.41
C GLU B 65 -1.79 10.44 0.96
N ASN B 66 -1.79 10.03 2.23
CA ASN B 66 -2.91 9.29 2.80
C ASN B 66 -3.75 10.11 3.77
N GLY B 67 -3.26 11.26 4.22
CA GLY B 67 -4.09 12.18 4.97
C GLY B 67 -4.23 11.92 6.45
N PHE B 68 -3.34 11.11 7.04
CA PHE B 68 -3.36 10.93 8.49
C PHE B 68 -2.39 11.92 9.16
N ILE B 69 -2.55 12.08 10.48
CA ILE B 69 -1.76 13.01 11.27
C ILE B 69 -0.65 12.26 11.97
N LEU B 70 0.55 12.86 12.02
CA LEU B 70 1.67 12.31 12.78
C LEU B 70 1.90 13.13 14.04
N VAL B 71 2.11 12.44 15.16
CA VAL B 71 2.47 13.08 16.43
C VAL B 71 3.82 12.53 16.85
N TYR B 72 4.77 13.43 17.11
CA TYR B 72 6.10 13.05 17.58
C TYR B 72 6.27 13.55 19.01
N PRO B 73 6.06 12.72 20.01
CA PRO B 73 6.35 13.15 21.38
C PRO B 73 7.85 13.22 21.58
N GLY B 74 8.24 14.02 22.56
CA GLY B 74 9.66 14.17 22.89
C GLY B 74 9.90 14.05 24.37
N SER B 75 10.95 13.32 24.71
CA SER B 75 11.37 13.16 26.10
C SER B 75 12.60 14.01 26.38
N ASN B 76 12.51 14.84 27.42
CA ASN B 76 13.65 15.60 27.91
C ASN B 76 14.19 15.05 29.22
N ASP B 77 13.75 13.88 29.65
CA ASP B 77 14.22 13.29 30.89
C ASP B 77 15.03 12.05 30.63
N ASP B 78 15.86 11.69 31.61
CA ASP B 78 16.56 10.41 31.62
C ASP B 78 17.32 10.19 30.31
N PHE B 79 18.13 11.19 29.93
CA PHE B 79 18.96 11.15 28.73
C PHE B 79 18.11 11.03 27.47
N HIS B 80 16.94 11.70 27.48
CA HIS B 80 16.00 11.68 26.36
C HIS B 80 15.50 10.26 26.09
N CYS B 81 15.19 9.53 27.14
CA CYS B 81 14.63 8.19 27.03
C CYS B 81 13.19 8.17 27.54
N TRP B 82 12.42 7.21 27.05
CA TRP B 82 11.04 7.03 27.52
C TRP B 82 11.01 6.24 28.82
N ASP B 83 10.15 6.68 29.74
CA ASP B 83 9.96 6.01 31.02
C ASP B 83 9.24 4.68 30.80
N VAL B 84 9.97 3.58 30.90
CA VAL B 84 9.36 2.27 30.83
C VAL B 84 9.63 1.46 32.10
N ALA B 85 9.92 2.16 33.20
CA ALA B 85 10.27 1.51 34.45
C ALA B 85 9.37 1.83 35.64
N THR B 86 8.76 3.01 35.70
CA THR B 86 8.01 3.38 36.88
C THR B 86 6.62 2.76 36.86
N ALA B 87 6.07 2.53 38.05
CA ALA B 87 4.71 2.02 38.15
C ALA B 87 3.74 2.94 37.41
N GLU B 88 3.96 4.24 37.51
CA GLU B 88 3.07 5.19 36.86
C GLU B 88 3.08 5.00 35.35
N SER B 89 4.26 5.00 34.72
CA SER B 89 4.30 4.92 33.26
C SER B 89 3.84 3.55 32.77
N LEU B 90 4.09 2.50 33.56
CA LEU B 90 3.77 1.14 33.13
C LEU B 90 2.30 0.78 33.29
N THR B 91 1.52 1.59 33.99
CA THR B 91 0.16 1.24 34.38
C THR B 91 -0.85 2.11 33.66
N HIS B 92 -1.99 1.50 33.32
CA HIS B 92 -3.14 2.22 32.81
C HIS B 92 -3.53 3.34 33.76
N ASP B 93 -3.57 4.56 33.23
CA ASP B 93 -3.92 5.78 33.96
C ASP B 93 -2.92 6.11 35.06
N GLY B 94 -1.73 5.50 35.03
CA GLY B 94 -0.77 5.71 36.10
C GLY B 94 -0.12 7.09 36.08
N GLY B 95 0.28 7.54 34.90
CA GLY B 95 0.91 8.85 34.77
C GLY B 95 2.18 8.81 33.92
N SER B 96 3.10 9.72 34.19
CA SER B 96 4.41 9.82 33.54
C SER B 96 4.24 9.91 32.01
N ASP B 97 5.24 9.39 31.28
CA ASP B 97 5.32 9.60 29.83
C ASP B 97 4.14 8.97 29.09
N SER B 98 3.77 7.74 29.46
CA SER B 98 2.70 7.07 28.73
C SER B 98 1.39 7.84 28.83
N ARG B 99 1.08 8.38 30.01
CA ARG B 99 -0.17 9.12 30.13
C ARG B 99 -0.07 10.44 29.38
N SER B 100 1.09 11.10 29.42
CA SER B 100 1.28 12.29 28.60
C SER B 100 1.04 12.00 27.13
N ILE B 101 1.57 10.89 26.63
CA ILE B 101 1.41 10.55 25.22
C ILE B 101 -0.07 10.31 24.90
N VAL B 102 -0.78 9.62 25.80
CA VAL B 102 -2.21 9.42 25.62
C VAL B 102 -2.93 10.76 25.58
N ASN B 103 -2.48 11.73 26.39
CA ASN B 103 -3.12 13.05 26.40
C ASN B 103 -2.83 13.81 25.12
N MET B 104 -1.64 13.64 24.52
CA MET B 104 -1.40 14.19 23.19
C MET B 104 -2.33 13.57 22.16
N VAL B 105 -2.53 12.26 22.21
CA VAL B 105 -3.49 11.61 21.31
C VAL B 105 -4.86 12.23 21.48
N GLN B 106 -5.28 12.36 22.74
CA GLN B 106 -6.61 12.87 23.04
C GLN B 106 -6.78 14.30 22.53
N TYR B 107 -5.75 15.12 22.75
CA TYR B 107 -5.73 16.47 22.20
C TYR B 107 -5.88 16.45 20.68
N THR B 108 -5.16 15.56 20.02
CA THR B 108 -5.19 15.52 18.56
C THR B 108 -6.56 15.08 18.05
N LEU B 109 -7.13 14.05 18.67
CA LEU B 109 -8.44 13.56 18.30
C LEU B 109 -9.50 14.66 18.45
N ASP B 110 -9.50 15.34 19.61
CA ASP B 110 -10.49 16.37 19.85
C ASP B 110 -10.33 17.54 18.88
N LYS B 111 -9.10 17.95 18.63
CA LYS B 111 -8.90 19.19 17.89
C LYS B 111 -9.15 18.99 16.40
N TYR B 112 -8.78 17.83 15.85
CA TYR B 112 -8.85 17.60 14.41
C TYR B 112 -9.99 16.65 14.03
N SER B 113 -10.93 16.41 14.94
CA SER B 113 -12.03 15.46 14.71
CA SER B 113 -12.03 15.47 14.70
C SER B 113 -11.49 14.13 14.18
N GLY B 114 -10.42 13.67 14.79
CA GLY B 114 -9.79 12.43 14.39
C GLY B 114 -10.65 11.22 14.70
N ASP B 115 -10.27 10.11 14.08
CA ASP B 115 -10.94 8.82 14.24
C ASP B 115 -10.28 8.08 15.40
N SER B 116 -10.98 8.01 16.54
CA SER B 116 -10.38 7.41 17.73
C SER B 116 -10.14 5.91 17.58
N SER B 117 -10.75 5.27 16.58
CA SER B 117 -10.50 3.85 16.31
C SER B 117 -9.29 3.62 15.43
N LYS B 118 -8.59 4.68 15.04
CA LYS B 118 -7.45 4.60 14.14
C LYS B 118 -6.27 5.39 14.70
N VAL B 119 -5.90 5.05 15.93
CA VAL B 119 -4.71 5.63 16.58
C VAL B 119 -3.68 4.51 16.72
N PHE B 120 -2.46 4.78 16.28
CA PHE B 120 -1.40 3.80 16.21
C PHE B 120 -0.13 4.40 16.79
N THR B 121 0.81 3.53 17.11
CA THR B 121 2.10 4.02 17.59
C THR B 121 3.22 3.20 16.98
N THR B 122 4.34 3.89 16.68
CA THR B 122 5.54 3.22 16.22
C THR B 122 6.74 3.90 16.85
N GLY B 123 7.79 3.12 17.06
CA GLY B 123 9.00 3.70 17.66
C GLY B 123 10.19 2.79 17.52
N SER B 124 11.35 3.38 17.82
CA SER B 124 12.64 2.70 17.67
C SER B 124 13.38 2.65 19.01
N SER B 125 13.92 1.47 19.32
CA SER B 125 14.64 1.23 20.57
CA SER B 125 14.61 1.18 20.58
C SER B 125 13.80 1.70 21.76
N SER B 126 14.23 2.78 22.44
CA SER B 126 13.45 3.28 23.57
C SER B 126 11.99 3.54 23.17
N GLY B 127 11.77 4.17 22.01
CA GLY B 127 10.42 4.41 21.55
C GLY B 127 9.67 3.13 21.22
N ALA B 128 10.40 2.08 20.84
CA ALA B 128 9.78 0.77 20.64
C ALA B 128 9.33 0.18 21.97
N MET B 129 10.15 0.29 23.02
CA MET B 129 9.70 -0.12 24.34
C MET B 129 8.47 0.65 24.79
N MET B 130 8.43 1.96 24.55
CA MET B 130 7.22 2.69 24.91
C MET B 130 6.04 2.26 24.05
N SER B 131 6.25 1.90 22.78
CA SER B 131 5.13 1.45 21.97
C SER B 131 4.47 0.22 22.60
N LEU B 132 5.26 -0.68 23.18
CA LEU B 132 4.68 -1.85 23.81
C LEU B 132 4.06 -1.52 25.16
N VAL B 133 4.61 -0.53 25.88
CA VAL B 133 3.95 -0.01 27.08
C VAL B 133 2.56 0.52 26.71
N LEU B 134 2.48 1.31 25.64
CA LEU B 134 1.17 1.84 25.23
C LEU B 134 0.22 0.72 24.85
N ALA B 135 0.73 -0.34 24.19
CA ALA B 135 -0.14 -1.45 23.82
C ALA B 135 -0.68 -2.17 25.05
N ALA B 136 0.16 -2.37 26.07
CA ALA B 136 -0.26 -3.12 27.25
C ALA B 136 -1.10 -2.27 28.20
N ALA B 137 -0.74 -1.00 28.38
CA ALA B 137 -1.38 -0.15 29.36
C ALA B 137 -2.58 0.59 28.80
N TYR B 138 -2.62 0.84 27.49
CA TYR B 138 -3.71 1.59 26.87
C TYR B 138 -4.25 0.87 25.62
N PRO B 139 -4.66 -0.40 25.77
CA PRO B 139 -5.28 -1.08 24.62
C PRO B 139 -6.64 -0.50 24.24
N ASP B 140 -7.21 0.35 25.10
CA ASP B 140 -8.44 1.07 24.81
C ASP B 140 -8.19 2.31 23.96
N VAL B 141 -6.93 2.66 23.74
CA VAL B 141 -6.55 3.86 22.99
C VAL B 141 -5.96 3.51 21.63
N PHE B 142 -5.06 2.53 21.58
CA PHE B 142 -4.31 2.23 20.38
C PHE B 142 -4.84 1.00 19.69
N SER B 143 -4.96 1.11 18.36
CA SER B 143 -5.44 0.03 17.50
CA SER B 143 -5.44 -0.01 17.56
C SER B 143 -4.31 -0.87 17.01
N GLY B 144 -3.08 -0.36 16.95
CA GLY B 144 -1.97 -1.14 16.45
C GLY B 144 -0.67 -0.48 16.81
N VAL B 145 0.40 -1.26 16.96
CA VAL B 145 1.71 -0.74 17.34
C VAL B 145 2.78 -1.46 16.51
N ALA B 146 3.87 -0.75 16.26
CA ALA B 146 5.02 -1.28 15.53
C ALA B 146 6.30 -0.93 16.30
N ALA B 147 6.95 -1.95 16.86
CA ALA B 147 8.07 -1.75 17.77
C ALA B 147 9.33 -2.22 17.06
N TYR B 148 10.22 -1.27 16.76
CA TYR B 148 11.46 -1.55 16.06
C TYR B 148 12.61 -1.62 17.06
N SER B 149 13.09 -2.84 17.31
CA SER B 149 14.31 -3.07 18.11
C SER B 149 14.10 -2.69 19.56
N GLY B 150 13.09 -3.26 20.20
CA GLY B 150 12.81 -2.91 21.58
C GLY B 150 13.00 -4.04 22.57
N VAL B 151 12.24 -3.95 23.67
CA VAL B 151 12.30 -4.85 24.82
C VAL B 151 10.89 -5.20 25.24
N PRO B 152 10.64 -6.45 25.69
CA PRO B 152 9.28 -6.82 26.10
C PRO B 152 8.75 -5.91 27.20
N TYR B 153 7.42 -5.71 27.16
CA TYR B 153 6.74 -4.90 28.17
C TYR B 153 7.02 -5.45 29.57
N GLY B 154 7.40 -4.55 30.49
CA GLY B 154 7.57 -4.91 31.88
C GLY B 154 8.95 -5.40 32.24
N CYS B 155 9.83 -5.61 31.27
CA CYS B 155 11.19 -6.04 31.58
C CYS B 155 11.88 -5.09 32.55
N LEU B 156 11.64 -3.79 32.42
CA LEU B 156 12.32 -2.80 33.25
C LEU B 156 11.50 -2.41 34.47
N ARG B 157 10.43 -3.13 34.79
CA ARG B 157 9.64 -2.81 35.97
C ARG B 157 10.54 -2.77 37.21
N GLY B 158 10.54 -1.63 37.88
CA GLY B 158 11.36 -1.47 39.09
C GLY B 158 12.80 -1.10 38.84
N SER B 159 13.22 -1.02 37.57
CA SER B 159 14.55 -0.52 37.25
C SER B 159 14.69 0.93 37.73
N PRO B 160 15.86 1.32 38.19
CA PRO B 160 16.06 2.71 38.64
C PRO B 160 16.16 3.74 37.53
N GLY B 161 15.96 3.33 36.27
CA GLY B 161 15.94 4.26 35.16
C GLY B 161 15.64 3.51 33.88
N SER B 162 15.57 4.27 32.76
CA SER B 162 15.24 3.70 31.46
C SER B 162 16.27 4.05 30.39
N SER B 163 17.49 4.41 30.78
CA SER B 163 18.49 4.85 29.82
C SER B 163 19.73 3.95 29.87
N PRO B 164 20.64 4.05 28.89
CA PRO B 164 21.90 3.27 28.98
C PRO B 164 22.75 3.62 30.19
N PHE B 165 22.46 4.72 30.88
CA PHE B 165 23.27 5.19 31.99
C PHE B 165 22.55 5.12 33.33
N THR B 166 21.27 4.73 33.34
CA THR B 166 20.48 4.69 34.57
C THR B 166 19.69 3.41 34.74
N ALA B 167 19.44 2.64 33.69
CA ALA B 167 18.67 1.42 33.84
C ALA B 167 19.52 0.30 34.40
N ASP B 168 18.85 -0.68 35.00
CA ASP B 168 19.41 -2.01 35.09
C ASP B 168 19.64 -2.53 33.67
N GLN B 169 20.89 -2.87 33.34
CA GLN B 169 21.26 -3.22 31.98
C GLN B 169 20.90 -4.66 31.61
N ALA B 170 20.29 -5.42 32.52
CA ALA B 170 20.04 -6.84 32.22
C ALA B 170 19.13 -6.99 30.99
N CYS B 171 18.11 -6.14 30.87
CA CYS B 171 17.21 -6.26 29.73
C CYS B 171 17.92 -5.93 28.42
N ALA B 172 18.60 -4.78 28.36
CA ALA B 172 19.29 -4.43 27.13
C ALA B 172 20.38 -5.43 26.78
N ASN B 173 21.00 -6.05 27.79
CA ASN B 173 22.05 -7.03 27.54
C ASN B 173 21.52 -8.40 27.14
N GLY B 174 20.19 -8.59 27.11
CA GLY B 174 19.65 -9.89 26.77
C GLY B 174 19.77 -10.91 27.86
N GLU B 175 19.91 -10.47 29.10
CA GLU B 175 20.13 -11.38 30.22
C GLU B 175 18.85 -11.82 30.89
N VAL B 176 17.72 -11.22 30.54
CA VAL B 176 16.44 -11.53 31.18
C VAL B 176 15.68 -12.50 30.30
N SER B 177 15.27 -13.62 30.88
CA SER B 177 14.44 -14.59 30.19
C SER B 177 13.30 -14.97 31.10
N ARG B 178 12.07 -14.88 30.59
CA ARG B 178 10.88 -15.28 31.31
C ARG B 178 10.06 -16.18 30.43
N THR B 179 9.19 -16.97 31.06
CA THR B 179 8.31 -17.81 30.27
C THR B 179 7.24 -16.96 29.61
N ALA B 180 6.65 -17.52 28.55
CA ALA B 180 5.53 -16.84 27.89
C ALA B 180 4.44 -16.49 28.89
N GLN B 181 4.13 -17.40 29.81
CA GLN B 181 3.10 -17.11 30.80
C GLN B 181 3.49 -15.95 31.69
N GLU B 182 4.75 -15.87 32.11
CA GLU B 182 5.20 -14.75 32.93
C GLU B 182 5.08 -13.44 32.16
N TRP B 183 5.49 -13.44 30.89
CA TRP B 183 5.42 -12.22 30.09
C TRP B 183 3.97 -11.81 29.87
N LYS B 184 3.07 -12.79 29.72
CA LYS B 184 1.65 -12.49 29.61
C LYS B 184 1.14 -11.84 30.88
N ASP B 185 1.50 -12.41 32.04
CA ASP B 185 1.11 -11.83 33.31
C ASP B 185 1.63 -10.40 33.45
N GLU B 186 2.83 -10.13 32.94
CA GLU B 186 3.33 -8.76 32.94
C GLU B 186 2.38 -7.84 32.18
N VAL B 187 1.97 -8.24 30.98
CA VAL B 187 1.05 -7.41 30.22
C VAL B 187 -0.24 -7.20 30.99
N LYS B 188 -0.78 -8.26 31.60
CA LYS B 188 -2.01 -8.09 32.36
C LYS B 188 -1.81 -7.15 33.55
N MET B 189 -0.62 -7.13 34.13
CA MET B 189 -0.35 -6.21 35.24
C MET B 189 -0.35 -4.75 34.82
N ALA B 190 -0.25 -4.45 33.52
CA ALA B 190 -0.39 -3.06 33.07
C ALA B 190 -1.77 -2.51 33.38
N TRP B 191 -2.78 -3.37 33.43
CA TRP B 191 -4.16 -2.95 33.67
C TRP B 191 -4.88 -4.12 34.33
N PRO B 192 -4.64 -4.33 35.63
CA PRO B 192 -5.20 -5.51 36.29
C PRO B 192 -6.72 -5.58 36.13
N GLY B 193 -7.19 -6.75 35.72
CA GLY B 193 -8.60 -6.96 35.54
C GLY B 193 -9.17 -6.53 34.21
N TYR B 194 -8.38 -5.88 33.36
CA TYR B 194 -8.83 -5.53 32.02
C TYR B 194 -9.30 -6.77 31.27
N ASN B 195 -10.52 -6.71 30.74
CA ASN B 195 -11.20 -7.85 30.13
C ASN B 195 -11.04 -7.94 28.62
N GLY B 196 -10.48 -6.91 27.98
CA GLY B 196 -10.68 -6.70 26.56
C GLY B 196 -9.55 -7.21 25.68
N THR B 197 -9.59 -6.75 24.44
CA THR B 197 -8.60 -7.10 23.42
CA THR B 197 -8.57 -7.14 23.47
C THR B 197 -7.38 -6.19 23.51
N TYR B 198 -6.29 -6.61 22.83
CA TYR B 198 -5.09 -5.80 22.71
C TYR B 198 -4.86 -5.39 21.26
N PRO B 199 -4.19 -4.27 21.02
CA PRO B 199 -3.95 -3.84 19.64
C PRO B 199 -3.07 -4.83 18.88
N LYS B 200 -3.16 -4.77 17.56
CA LYS B 200 -2.26 -5.55 16.72
C LYS B 200 -0.82 -5.15 17.01
N VAL B 201 0.05 -6.13 17.26
CA VAL B 201 1.44 -5.86 17.62
C VAL B 201 2.37 -6.38 16.53
N GLN B 202 3.25 -5.53 16.04
CA GLN B 202 4.25 -5.88 15.04
C GLN B 202 5.61 -5.57 15.64
N VAL B 203 6.49 -6.56 15.75
CA VAL B 203 7.82 -6.30 16.30
C VAL B 203 8.89 -6.63 15.28
N TRP B 204 10.02 -5.92 15.37
CA TRP B 204 11.18 -6.09 14.51
C TRP B 204 12.45 -6.12 15.36
N HIS B 205 13.42 -6.92 14.95
CA HIS B 205 14.74 -6.85 15.56
C HIS B 205 15.80 -7.29 14.57
N GLY B 206 17.01 -6.80 14.79
CA GLY B 206 18.18 -7.20 14.01
C GLY B 206 19.08 -8.17 14.77
N THR B 207 19.61 -9.17 14.06
CA THR B 207 20.44 -10.18 14.72
C THR B 207 21.79 -9.63 15.18
N ALA B 208 22.19 -8.45 14.71
CA ALA B 208 23.51 -7.90 15.00
C ALA B 208 23.44 -6.71 15.95
N ASP B 209 22.31 -6.53 16.64
CA ASP B 209 22.08 -5.34 17.45
C ASP B 209 22.96 -5.40 18.70
N SER B 210 23.96 -4.53 18.78
CA SER B 210 24.89 -4.44 19.91
C SER B 210 24.35 -3.60 21.06
N VAL B 211 23.25 -2.88 20.87
CA VAL B 211 22.71 -2.01 21.90
C VAL B 211 21.61 -2.73 22.68
N ILE B 212 20.60 -3.21 21.96
CA ILE B 212 19.50 -3.99 22.54
C ILE B 212 19.64 -5.40 22.02
N SER B 213 20.03 -6.33 22.91
CA SER B 213 20.30 -7.70 22.50
C SER B 213 19.12 -8.30 21.74
N PRO B 214 19.37 -9.03 20.66
CA PRO B 214 18.26 -9.70 19.96
C PRO B 214 17.60 -10.82 20.77
N ASN B 215 18.18 -11.22 21.92
CA ASN B 215 17.44 -12.08 22.84
C ASN B 215 16.09 -11.47 23.21
N ASN B 216 15.99 -10.13 23.20
CA ASN B 216 14.73 -9.47 23.49
C ASN B 216 13.66 -9.77 22.45
N PHE B 217 14.07 -10.07 21.21
CA PHE B 217 13.10 -10.52 20.20
C PHE B 217 12.38 -11.79 20.64
N ASP B 218 13.14 -12.78 21.10
CA ASP B 218 12.53 -14.02 21.56
C ASP B 218 11.57 -13.75 22.73
N GLU B 219 11.99 -12.86 23.65
CA GLU B 219 11.13 -12.55 24.80
C GLU B 219 9.85 -11.85 24.37
N GLU B 220 9.95 -10.89 23.43
CA GLU B 220 8.75 -10.24 22.91
C GLU B 220 7.83 -11.24 22.22
N VAL B 221 8.40 -12.21 21.50
CA VAL B 221 7.59 -13.21 20.81
C VAL B 221 6.85 -14.07 21.82
N LYS B 222 7.54 -14.52 22.86
CA LYS B 222 6.88 -15.24 23.94
C LYS B 222 5.76 -14.40 24.54
N GLN B 223 6.03 -13.11 24.76
CA GLN B 223 5.06 -12.25 25.42
C GLN B 223 3.76 -12.16 24.65
N TRP B 224 3.85 -11.74 23.37
CA TRP B 224 2.61 -11.40 22.67
C TRP B 224 1.94 -12.61 22.06
N SER B 225 2.68 -13.67 21.73
CA SER B 225 2.01 -14.90 21.35
C SER B 225 1.19 -15.45 22.52
N ALA B 226 1.69 -15.30 23.75
CA ALA B 226 0.90 -15.70 24.91
C ALA B 226 -0.30 -14.79 25.12
N VAL B 227 -0.14 -13.47 24.98
CA VAL B 227 -1.26 -12.54 25.14
C VAL B 227 -2.39 -12.89 24.19
N PHE B 228 -2.06 -13.19 22.94
CA PHE B 228 -3.10 -13.48 21.96
C PHE B 228 -3.46 -14.96 21.87
N GLY B 229 -2.73 -15.84 22.56
CA GLY B 229 -3.03 -17.25 22.51
C GLY B 229 -2.80 -17.87 21.15
N VAL B 230 -1.68 -17.54 20.52
CA VAL B 230 -1.39 -17.99 19.16
C VAL B 230 -0.03 -18.68 19.13
N ASN B 231 0.13 -19.63 18.21
CA ASN B 231 1.44 -20.16 17.87
C ASN B 231 1.87 -19.61 16.52
N VAL B 232 3.16 -19.76 16.23
CA VAL B 232 3.65 -19.45 14.90
C VAL B 232 3.00 -20.42 13.92
N THR B 233 2.48 -19.89 12.81
CA THR B 233 1.85 -20.74 11.82
C THR B 233 2.53 -20.71 10.45
N LYS B 234 3.27 -19.66 10.13
CA LYS B 234 3.96 -19.55 8.85
C LYS B 234 5.17 -18.63 9.02
N GLU B 235 6.26 -18.96 8.35
CA GLU B 235 7.42 -18.08 8.28
C GLU B 235 7.72 -17.76 6.82
N GLU B 236 7.88 -16.48 6.51
CA GLU B 236 8.23 -16.02 5.17
C GLU B 236 9.65 -15.50 5.17
N GLN B 237 10.47 -15.98 4.25
CA GLN B 237 11.83 -15.50 4.12
C GLN B 237 11.91 -14.29 3.20
N ASP B 238 12.92 -13.45 3.44
CA ASP B 238 13.20 -12.27 2.62
C ASP B 238 11.96 -11.40 2.47
N SER B 239 11.32 -11.12 3.61
CA SER B 239 10.06 -10.42 3.63
C SER B 239 10.04 -9.44 4.79
N PRO B 240 10.02 -8.12 4.54
CA PRO B 240 9.87 -7.48 3.22
C PRO B 240 11.15 -7.28 2.43
N LEU B 241 12.30 -7.44 3.08
CA LEU B 241 13.61 -7.24 2.47
C LEU B 241 14.44 -8.50 2.63
N ASP B 242 15.50 -8.61 1.82
CA ASP B 242 16.38 -9.77 1.90
C ASP B 242 16.94 -9.93 3.31
N GLY B 243 16.91 -11.15 3.83
CA GLY B 243 17.42 -11.41 5.16
C GLY B 243 16.43 -11.15 6.27
N TYR B 244 15.25 -10.59 5.97
CA TYR B 244 14.20 -10.38 6.96
C TYR B 244 13.31 -11.62 6.97
N THR B 245 13.20 -12.26 8.13
CA THR B 245 12.33 -13.42 8.28
C THR B 245 11.07 -12.99 9.02
N ARG B 246 9.92 -13.21 8.39
CA ARG B 246 8.62 -12.79 8.91
C ARG B 246 7.93 -13.98 9.55
N SER B 247 7.61 -13.87 10.84
CA SER B 247 6.91 -14.92 11.55
C SER B 247 5.46 -14.50 11.69
N ILE B 248 4.54 -15.35 11.20
CA ILE B 248 3.11 -15.09 11.20
C ILE B 248 2.48 -15.99 12.24
N PHE B 249 1.67 -15.42 13.11
CA PHE B 249 1.09 -16.15 14.25
C PHE B 249 -0.42 -16.25 14.07
N GLY B 250 -0.97 -17.41 14.43
CA GLY B 250 -2.39 -17.60 14.29
C GLY B 250 -2.82 -17.36 12.86
N ASP B 251 -3.90 -16.62 12.70
CA ASP B 251 -4.37 -16.25 11.37
C ASP B 251 -3.79 -14.92 10.90
N GLY B 252 -2.74 -14.43 11.56
CA GLY B 252 -2.08 -13.20 11.17
C GLY B 252 -2.75 -11.91 11.57
N SER B 253 -3.86 -11.95 12.33
CA SER B 253 -4.60 -10.73 12.62
C SER B 253 -4.17 -10.00 13.89
N HIS B 254 -3.25 -10.57 14.69
CA HIS B 254 -2.93 -9.97 15.99
C HIS B 254 -1.45 -9.73 16.20
N PHE B 255 -0.59 -10.60 15.72
CA PHE B 255 0.82 -10.49 16.08
C PHE B 255 1.67 -11.01 14.94
N GLU B 256 2.69 -10.23 14.56
CA GLU B 256 3.68 -10.71 13.61
C GLU B 256 5.04 -10.17 14.03
N ALA B 257 6.10 -10.88 13.63
CA ALA B 257 7.44 -10.56 14.10
C ALA B 257 8.44 -10.73 12.96
N TYR B 258 9.41 -9.80 12.90
CA TYR B 258 10.43 -9.80 11.86
C TYR B 258 11.81 -9.81 12.49
N LEU B 259 12.64 -10.75 12.06
CA LEU B 259 14.03 -10.85 12.48
C LEU B 259 14.93 -10.62 11.28
N ALA B 260 15.78 -9.60 11.37
CA ALA B 260 16.57 -9.11 10.23
C ALA B 260 18.02 -9.54 10.37
N GLU B 261 18.45 -10.46 9.51
CA GLU B 261 19.80 -11.01 9.57
C GLU B 261 20.83 -9.93 9.25
N GLY B 262 21.82 -9.78 10.15
CA GLY B 262 22.92 -8.85 9.92
C GLY B 262 22.61 -7.39 10.17
N VAL B 263 21.37 -7.06 10.53
CA VAL B 263 20.98 -5.68 10.83
C VAL B 263 21.24 -5.42 12.31
N GLY B 264 21.76 -4.24 12.63
CA GLY B 264 22.01 -3.92 14.02
C GLY B 264 21.03 -2.94 14.60
N HIS B 265 21.54 -2.05 15.45
CA HIS B 265 20.74 -1.04 16.10
C HIS B 265 20.57 0.15 15.16
N VAL B 266 19.34 0.44 14.69
CA VAL B 266 18.10 -0.30 14.90
C VAL B 266 17.67 -0.85 13.54
N VAL B 267 16.60 -1.64 13.51
CA VAL B 267 16.01 -1.99 12.21
C VAL B 267 15.38 -0.73 11.63
N PRO B 268 15.69 -0.36 10.40
CA PRO B 268 15.07 0.83 9.82
C PRO B 268 13.58 0.61 9.63
N THR B 269 12.80 1.67 9.84
CA THR B 269 11.36 1.55 9.76
C THR B 269 10.94 1.22 8.33
N GLN B 270 10.10 0.20 8.19
CA GLN B 270 9.54 -0.21 6.91
C GLN B 270 8.12 0.36 6.86
N VAL B 271 8.00 1.56 6.30
CA VAL B 271 6.75 2.31 6.42
C VAL B 271 5.60 1.56 5.77
N ASP B 272 5.83 0.96 4.60
CA ASP B 272 4.76 0.23 3.93
C ASP B 272 4.29 -0.97 4.77
N SER B 273 5.24 -1.74 5.30
CA SER B 273 4.87 -2.89 6.13
C SER B 273 4.08 -2.46 7.35
N THR B 274 4.47 -1.35 7.95
CA THR B 274 3.82 -0.89 9.16
C THR B 274 2.46 -0.26 8.86
N LEU B 275 2.35 0.52 7.79
CA LEU B 275 1.05 1.09 7.46
C LEU B 275 0.07 0.02 7.00
N ARG B 276 0.55 -1.02 6.32
CA ARG B 276 -0.33 -2.13 5.96
C ARG B 276 -0.82 -2.85 7.21
N TRP B 277 0.07 -3.05 8.18
CA TRP B 277 -0.30 -3.66 9.46
C TRP B 277 -1.38 -2.84 10.16
N PHE B 278 -1.25 -1.52 10.12
CA PHE B 278 -2.24 -0.62 10.70
C PHE B 278 -3.52 -0.55 9.90
N GLY B 279 -3.56 -1.16 8.71
CA GLY B 279 -4.75 -1.10 7.88
C GLY B 279 -4.98 0.23 7.18
N LEU B 280 -3.97 1.09 7.14
CA LEU B 280 -4.12 2.39 6.51
C LEU B 280 -3.81 2.35 5.02
N ILE B 281 -3.17 1.28 4.54
CA ILE B 281 -2.94 1.04 3.12
C ILE B 281 -3.11 -0.46 2.91
#